data_8A0Q
#
_entry.id   8A0Q
#
_cell.length_a   56.12
_cell.length_b   56.12
_cell.length_c   181.63
_cell.angle_alpha   90
_cell.angle_beta   90
_cell.angle_gamma   90
#
_symmetry.space_group_name_H-M   'P 41 21 2'
#
loop_
_entity.id
_entity.type
_entity.pdbx_description
1 polymer 'Glutathione transferase'
2 non-polymer 5,6,7-trihydroxy-2-phenyl-4H-chromen-4-one
3 non-polymer 'CHLORIDE ION'
4 water water
#
_entity_poly.entity_id   1
_entity_poly.type   'polypeptide(L)'
_entity_poly.pdbx_seq_one_letter_code
;MADVKLHGSWVSPFNYRVIWALKLKGVEFEHIVEDLTNKSELLLKYNPVYKKIPVLVHGGKPIAESLVILEYIEETWPEN
PLLPTDPYERAMARFWIQYGATKTAAFGALFRASGEELEKAAKEVVEVLRVLEEQGLGDKKFFGGDSINLVDISFGLFTC
WLEAIEEAAGVKVLEPSTLPRLHAWAQNFIEVPLIKENIPDYDKLLLHMKGVREKMMNK
;
_entity_poly.pdbx_strand_id   A
#
# COMPACT_ATOMS: atom_id res chain seq x y z
N ASP A 3 8.29 11.34 20.35
CA ASP A 3 8.21 12.46 19.42
C ASP A 3 7.38 12.09 18.18
N VAL A 4 7.46 10.84 17.73
CA VAL A 4 6.69 10.35 16.59
C VAL A 4 5.87 9.15 17.03
N LYS A 5 4.56 9.20 16.82
CA LYS A 5 3.66 8.11 17.16
C LYS A 5 2.90 7.72 15.91
N LEU A 6 2.64 6.43 15.71
CA LEU A 6 1.83 5.97 14.59
C LEU A 6 0.63 5.20 15.10
N HIS A 7 -0.56 5.76 14.90
CA HIS A 7 -1.79 5.09 15.28
C HIS A 7 -2.12 4.20 14.10
N GLY A 8 -1.94 2.89 14.29
CA GLY A 8 -2.12 1.94 13.20
C GLY A 8 -2.81 0.65 13.53
N SER A 9 -2.45 -0.38 12.78
CA SER A 9 -3.00 -1.71 12.85
C SER A 9 -1.96 -2.73 12.34
N TRP A 10 -2.14 -4.00 12.68
CA TRP A 10 -1.20 -5.02 12.25
C TRP A 10 -1.51 -5.61 10.85
N VAL A 11 -2.62 -5.18 10.20
CA VAL A 11 -2.94 -5.73 8.88
C VAL A 11 -3.09 -4.66 7.78
N SER A 12 -3.46 -3.43 8.14
CA SER A 12 -3.68 -2.38 7.15
C SER A 12 -2.49 -2.13 6.24
N PRO A 13 -2.70 -2.25 4.92
CA PRO A 13 -1.60 -1.93 3.99
C PRO A 13 -1.27 -0.45 4.01
N PHE A 14 -2.24 0.42 4.32
CA PHE A 14 -2.06 1.86 4.40
C PHE A 14 -1.15 2.20 5.58
N ASN A 15 -1.32 1.50 6.71
CA ASN A 15 -0.45 1.68 7.86
C ASN A 15 0.99 1.19 7.52
N TYR A 16 1.12 0.06 6.79
CA TYR A 16 2.43 -0.45 6.44
C TYR A 16 3.23 0.47 5.53
N ARG A 17 2.56 1.29 4.68
CA ARG A 17 3.25 2.29 3.84
C ARG A 17 4.04 3.25 4.74
N VAL A 18 3.42 3.69 5.83
CA VAL A 18 4.02 4.64 6.78
C VAL A 18 5.15 3.98 7.55
N ILE A 19 4.98 2.73 8.02
CA ILE A 19 6.06 1.97 8.68
C ILE A 19 7.29 1.90 7.77
N TRP A 20 7.08 1.53 6.48
CA TRP A 20 8.21 1.45 5.54
C TRP A 20 8.92 2.76 5.39
N ALA A 21 8.17 3.86 5.19
CA ALA A 21 8.77 5.16 4.99
C ALA A 21 9.53 5.62 6.23
N LEU A 22 8.97 5.41 7.42
CA LEU A 22 9.65 5.80 8.68
C LEU A 22 10.95 4.99 8.87
N LYS A 23 10.89 3.66 8.63
CA LYS A 23 12.08 2.80 8.75
C LYS A 23 13.14 3.10 7.68
N LEU A 24 12.73 3.55 6.47
CA LEU A 24 13.67 3.94 5.44
C LEU A 24 14.40 5.24 5.84
N LYS A 25 13.69 6.15 6.53
CA LYS A 25 14.31 7.39 7.00
C LYS A 25 15.09 7.20 8.32
N GLY A 26 14.93 6.07 8.98
CA GLY A 26 15.55 5.78 10.26
C GLY A 26 14.91 6.57 11.38
N VAL A 27 13.59 6.85 11.27
CA VAL A 27 12.87 7.64 12.27
C VAL A 27 12.34 6.74 13.34
N GLU A 28 12.65 7.04 14.61
CA GLU A 28 12.16 6.23 15.71
C GLU A 28 10.73 6.62 15.97
N PHE A 29 9.87 5.64 16.21
CA PHE A 29 8.46 5.92 16.44
C PHE A 29 7.84 4.90 17.35
N GLU A 30 6.74 5.28 17.98
CA GLU A 30 6.00 4.36 18.82
C GLU A 30 4.78 3.92 18.04
N HIS A 31 4.60 2.61 17.86
CA HIS A 31 3.47 2.09 17.12
C HIS A 31 2.34 1.76 18.08
N ILE A 32 1.24 2.50 17.98
CA ILE A 32 0.07 2.31 18.83
C ILE A 32 -0.99 1.60 18.00
N VAL A 33 -1.14 0.29 18.19
CA VAL A 33 -2.11 -0.48 17.43
C VAL A 33 -3.52 -0.31 18.00
N GLU A 34 -4.39 0.33 17.21
CA GLU A 34 -5.76 0.64 17.59
C GLU A 34 -6.75 -0.49 17.27
N ASP A 35 -7.83 -0.55 18.06
CA ASP A 35 -8.92 -1.50 17.86
C ASP A 35 -10.01 -0.70 17.14
N LEU A 36 -10.39 -1.13 15.94
CA LEU A 36 -11.36 -0.39 15.13
C LEU A 36 -12.81 -0.46 15.65
N THR A 37 -13.13 -1.46 16.49
CA THR A 37 -14.49 -1.59 17.03
C THR A 37 -14.71 -0.56 18.15
N ASN A 38 -13.73 -0.42 19.04
CA ASN A 38 -13.79 0.52 20.13
C ASN A 38 -12.62 1.50 19.97
N LYS A 39 -12.83 2.58 19.20
CA LYS A 39 -11.79 3.56 18.92
C LYS A 39 -11.43 4.42 20.13
N SER A 40 -10.13 4.65 20.34
CA SER A 40 -9.65 5.46 21.45
C SER A 40 -9.94 6.95 21.26
N GLU A 41 -9.97 7.73 22.35
CA GLU A 41 -10.23 9.16 22.28
C GLU A 41 -9.16 9.92 21.52
N LEU A 42 -7.90 9.43 21.54
CA LEU A 42 -6.82 10.07 20.81
C LEU A 42 -7.09 10.01 19.31
N LEU A 43 -7.45 8.82 18.78
CA LEU A 43 -7.75 8.64 17.36
C LEU A 43 -8.90 9.53 16.85
N LEU A 44 -9.93 9.72 17.68
CA LEU A 44 -11.09 10.56 17.33
C LEU A 44 -10.73 12.06 17.35
N LYS A 45 -9.82 12.46 18.23
CA LYS A 45 -9.38 13.85 18.36
C LYS A 45 -8.40 14.21 17.23
N TYR A 46 -7.50 13.28 16.90
CA TYR A 46 -6.48 13.46 15.86
C TYR A 46 -7.04 13.38 14.44
N ASN A 47 -8.00 12.49 14.19
CA ASN A 47 -8.61 12.37 12.86
C ASN A 47 -10.13 12.43 12.97
N PRO A 48 -10.70 13.63 13.24
CA PRO A 48 -12.18 13.71 13.34
C PRO A 48 -12.92 13.66 12.00
N VAL A 49 -12.19 13.71 10.87
CA VAL A 49 -12.79 13.70 9.53
C VAL A 49 -13.10 12.28 9.03
N TYR A 50 -12.11 11.37 9.08
CA TYR A 50 -12.32 9.99 8.63
C TYR A 50 -12.45 8.99 9.77
N LYS A 51 -11.95 9.33 10.97
CA LYS A 51 -11.97 8.45 12.16
C LYS A 51 -11.31 7.09 11.91
N LYS A 52 -10.28 7.07 11.04
CA LYS A 52 -9.58 5.84 10.68
C LYS A 52 -8.06 5.96 10.86
N ILE A 53 -7.35 4.83 10.72
CA ILE A 53 -5.90 4.78 10.78
C ILE A 53 -5.38 4.61 9.32
N PRO A 54 -4.10 4.96 9.01
CA PRO A 54 -3.07 5.49 9.89
C PRO A 54 -3.14 6.99 10.21
N VAL A 55 -2.68 7.34 11.40
CA VAL A 55 -2.53 8.71 11.80
C VAL A 55 -1.14 8.82 12.38
N LEU A 56 -0.30 9.70 11.81
CA LEU A 56 1.02 9.93 12.36
C LEU A 56 0.89 11.16 13.27
N VAL A 57 1.50 11.13 14.45
CA VAL A 57 1.45 12.25 15.37
C VAL A 57 2.88 12.64 15.61
N HIS A 58 3.26 13.83 15.19
CA HIS A 58 4.63 14.28 15.32
C HIS A 58 4.66 15.53 16.19
N GLY A 59 5.23 15.42 17.37
CA GLY A 59 5.27 16.53 18.33
C GLY A 59 3.87 16.93 18.75
N GLY A 60 3.00 15.94 18.92
CA GLY A 60 1.61 16.19 19.29
C GLY A 60 0.69 16.61 18.15
N LYS A 61 1.23 16.85 16.95
CA LYS A 61 0.42 17.29 15.80
C LYS A 61 0.07 16.14 14.85
N PRO A 62 -1.23 15.94 14.58
CA PRO A 62 -1.64 14.79 13.76
C PRO A 62 -1.64 15.01 12.24
N ILE A 63 -1.27 13.96 11.50
CA ILE A 63 -1.27 13.95 10.04
C ILE A 63 -1.99 12.65 9.66
N ALA A 64 -3.16 12.73 9.02
CA ALA A 64 -3.92 11.54 8.61
C ALA A 64 -3.84 11.33 7.10
N GLU A 65 -4.18 10.09 6.62
CA GLU A 65 -4.19 9.64 5.22
C GLU A 65 -2.78 9.25 4.82
N SER A 66 -2.58 7.97 4.48
CA SER A 66 -1.26 7.42 4.18
C SER A 66 -0.49 8.21 3.14
N LEU A 67 -1.14 8.66 2.05
CA LEU A 67 -0.42 9.40 1.01
C LEU A 67 0.02 10.79 1.47
N VAL A 68 -0.79 11.44 2.33
CA VAL A 68 -0.45 12.72 2.92
C VAL A 68 0.73 12.52 3.88
N ILE A 69 0.66 11.49 4.73
CA ILE A 69 1.74 11.18 5.67
C ILE A 69 3.05 10.90 4.93
N LEU A 70 3.01 10.12 3.83
CA LEU A 70 4.24 9.83 3.07
C LEU A 70 4.97 11.08 2.60
N GLU A 71 4.21 12.02 2.03
CA GLU A 71 4.80 13.26 1.53
C GLU A 71 5.31 14.12 2.71
N TYR A 72 4.60 14.11 3.86
CA TYR A 72 5.05 14.82 5.05
C TYR A 72 6.41 14.23 5.52
N ILE A 73 6.52 12.90 5.57
CA ILE A 73 7.75 12.21 5.95
C ILE A 73 8.89 12.61 4.99
N GLU A 74 8.62 12.61 3.70
CA GLU A 74 9.63 12.95 2.67
C GLU A 74 10.11 14.40 2.82
N GLU A 75 9.21 15.33 3.18
CA GLU A 75 9.62 16.73 3.36
C GLU A 75 10.26 16.98 4.71
N THR A 76 9.85 16.28 5.74
CA THR A 76 10.36 16.47 7.09
C THR A 76 11.73 15.83 7.32
N TRP A 77 11.96 14.64 6.74
CA TRP A 77 13.24 13.96 6.84
C TRP A 77 13.75 13.79 5.43
N PRO A 78 14.35 14.84 4.87
CA PRO A 78 14.72 14.78 3.45
C PRO A 78 15.86 13.86 3.07
N GLU A 79 16.67 13.39 4.05
CA GLU A 79 17.76 12.46 3.75
C GLU A 79 17.18 11.10 3.31
N ASN A 80 17.92 10.36 2.48
CA ASN A 80 17.47 9.08 1.90
C ASN A 80 16.16 9.37 1.10
N PRO A 81 16.28 10.20 0.06
CA PRO A 81 15.08 10.67 -0.64
C PRO A 81 14.25 9.55 -1.25
N LEU A 82 12.95 9.69 -1.09
CA LEU A 82 11.95 8.76 -1.64
C LEU A 82 11.15 9.34 -2.82
N LEU A 83 11.53 10.53 -3.28
CA LEU A 83 10.98 11.13 -4.49
C LEU A 83 12.17 11.69 -5.25
N PRO A 84 12.10 11.72 -6.59
CA PRO A 84 13.20 12.33 -7.36
C PRO A 84 13.27 13.87 -7.19
N THR A 85 14.36 14.51 -7.65
CA THR A 85 14.48 15.98 -7.52
C THR A 85 13.84 16.70 -8.71
N ASP A 86 13.89 16.11 -9.89
CA ASP A 86 13.33 16.74 -11.08
C ASP A 86 11.81 16.87 -11.02
N PRO A 87 11.26 18.09 -11.22
CA PRO A 87 9.80 18.27 -11.16
C PRO A 87 8.99 17.38 -12.09
N TYR A 88 9.47 17.14 -13.32
CA TYR A 88 8.71 16.27 -14.25
C TYR A 88 8.72 14.84 -13.70
N GLU A 89 9.87 14.38 -13.18
CA GLU A 89 9.96 13.03 -12.62
C GLU A 89 9.08 12.91 -11.35
N ARG A 90 9.02 13.99 -10.54
CA ARG A 90 8.18 14.01 -9.34
C ARG A 90 6.71 13.96 -9.74
N ALA A 91 6.33 14.67 -10.82
CA ALA A 91 4.95 14.67 -11.31
C ALA A 91 4.57 13.29 -11.80
N MET A 92 5.50 12.60 -12.51
CA MET A 92 5.21 11.22 -12.96
C MET A 92 5.02 10.29 -11.78
N ALA A 93 5.82 10.46 -10.71
CA ALA A 93 5.65 9.66 -9.48
C ALA A 93 4.28 9.91 -8.85
N ARG A 94 3.88 11.20 -8.71
CA ARG A 94 2.58 11.53 -8.13
C ARG A 94 1.47 11.05 -9.00
N PHE A 95 1.63 11.11 -10.33
CA PHE A 95 0.61 10.62 -11.27
C PHE A 95 0.33 9.13 -11.01
N TRP A 96 1.39 8.31 -10.91
CA TRP A 96 1.20 6.88 -10.70
C TRP A 96 0.68 6.56 -9.32
N ILE A 97 1.09 7.32 -8.30
CA ILE A 97 0.52 7.16 -6.97
C ILE A 97 -0.99 7.43 -7.00
N GLN A 98 -1.41 8.54 -7.63
N GLN A 98 -1.42 8.55 -7.63
CA GLN A 98 -2.83 8.87 -7.73
CA GLN A 98 -2.86 8.83 -7.71
C GLN A 98 -3.58 7.82 -8.57
C GLN A 98 -3.60 7.83 -8.58
N TYR A 99 -2.94 7.27 -9.60
CA TYR A 99 -3.57 6.25 -10.44
C TYR A 99 -3.91 5.00 -9.59
N GLY A 100 -2.96 4.54 -8.79
CA GLY A 100 -3.21 3.41 -7.90
C GLY A 100 -4.30 3.69 -6.89
N ALA A 101 -4.28 4.91 -6.29
CA ALA A 101 -5.28 5.33 -5.31
C ALA A 101 -6.70 5.38 -5.88
N THR A 102 -6.84 5.76 -7.14
CA THR A 102 -8.14 5.85 -7.80
C THR A 102 -8.64 4.45 -8.19
N LYS A 103 -7.74 3.60 -8.67
CA LYS A 103 -8.09 2.25 -9.12
C LYS A 103 -8.18 1.24 -8.01
N THR A 104 -7.67 1.55 -6.79
CA THR A 104 -7.77 0.61 -5.64
C THR A 104 -9.26 0.19 -5.40
N ALA A 105 -10.22 1.02 -5.88
CA ALA A 105 -11.66 0.74 -5.79
C ALA A 105 -12.07 -0.49 -6.60
N ALA A 106 -11.48 -0.69 -7.81
CA ALA A 106 -11.75 -1.86 -8.67
C ALA A 106 -11.34 -3.22 -8.02
N PHE A 107 -10.55 -3.15 -6.95
CA PHE A 107 -10.19 -4.34 -6.18
C PHE A 107 -11.33 -4.76 -5.22
N GLY A 108 -12.28 -3.86 -4.95
CA GLY A 108 -13.42 -4.11 -4.09
C GLY A 108 -14.29 -5.20 -4.65
N ALA A 109 -14.50 -5.20 -5.97
CA ALA A 109 -15.28 -6.23 -6.65
C ALA A 109 -14.71 -7.64 -6.42
N LEU A 110 -13.41 -7.77 -6.09
CA LEU A 110 -12.83 -9.08 -5.79
C LEU A 110 -13.36 -9.67 -4.47
N PHE A 111 -13.87 -8.82 -3.57
CA PHE A 111 -14.45 -9.26 -2.30
C PHE A 111 -15.97 -9.47 -2.40
N ARG A 112 -16.63 -8.90 -3.40
CA ARG A 112 -18.09 -8.98 -3.57
C ARG A 112 -18.53 -10.00 -4.62
N ALA A 113 -18.11 -9.83 -5.88
CA ALA A 113 -18.50 -10.67 -7.01
C ALA A 113 -18.18 -12.18 -6.85
N SER A 114 -18.88 -13.04 -7.63
CA SER A 114 -18.69 -14.49 -7.61
C SER A 114 -18.83 -15.06 -9.03
N GLY A 115 -18.12 -16.16 -9.30
CA GLY A 115 -18.12 -16.85 -10.58
C GLY A 115 -17.95 -15.95 -11.79
N GLU A 116 -18.83 -16.06 -12.79
CA GLU A 116 -18.81 -15.22 -13.98
C GLU A 116 -19.42 -13.88 -13.62
N GLU A 117 -18.56 -13.01 -13.10
CA GLU A 117 -18.72 -11.66 -12.56
C GLU A 117 -17.40 -11.35 -11.80
N LEU A 118 -16.89 -12.33 -11.03
CA LEU A 118 -15.62 -12.27 -10.34
C LEU A 118 -14.48 -12.45 -11.37
N GLU A 119 -14.69 -13.27 -12.42
CA GLU A 119 -13.72 -13.44 -13.51
C GLU A 119 -13.60 -12.13 -14.35
N LYS A 120 -14.70 -11.37 -14.42
CA LYS A 120 -14.78 -10.09 -15.11
C LYS A 120 -14.03 -9.03 -14.27
N ALA A 121 -14.22 -9.04 -12.94
CA ALA A 121 -13.54 -8.13 -12.03
C ALA A 121 -12.03 -8.41 -12.02
N ALA A 122 -11.63 -9.69 -12.01
CA ALA A 122 -10.21 -10.06 -12.02
C ALA A 122 -9.54 -9.62 -13.31
N LYS A 123 -10.24 -9.74 -14.46
CA LYS A 123 -9.66 -9.28 -15.73
C LYS A 123 -9.52 -7.78 -15.78
N GLU A 124 -10.47 -7.04 -15.17
CA GLU A 124 -10.38 -5.58 -15.11
C GLU A 124 -9.19 -5.17 -14.22
N VAL A 125 -8.98 -5.88 -13.10
CA VAL A 125 -7.83 -5.63 -12.25
C VAL A 125 -6.51 -5.90 -13.01
N VAL A 126 -6.45 -6.97 -13.84
CA VAL A 126 -5.26 -7.27 -14.64
C VAL A 126 -4.97 -6.12 -15.61
N GLU A 127 -6.03 -5.55 -16.22
CA GLU A 127 -5.83 -4.44 -17.15
C GLU A 127 -5.32 -3.20 -16.42
N VAL A 128 -5.81 -2.95 -15.22
CA VAL A 128 -5.32 -1.83 -14.39
C VAL A 128 -3.81 -2.04 -14.10
N LEU A 129 -3.42 -3.26 -13.71
CA LEU A 129 -2.01 -3.55 -13.42
C LEU A 129 -1.12 -3.55 -14.64
N ARG A 130 -1.67 -3.91 -15.81
CA ARG A 130 -0.90 -3.92 -17.05
C ARG A 130 -0.51 -2.52 -17.47
N VAL A 131 -1.42 -1.55 -17.33
CA VAL A 131 -1.12 -0.13 -17.64
C VAL A 131 0.02 0.34 -16.73
N LEU A 132 -0.07 -0.01 -15.45
CA LEU A 132 0.94 0.33 -14.47
C LEU A 132 2.29 -0.30 -14.80
N GLU A 133 2.27 -1.55 -15.24
CA GLU A 133 3.48 -2.24 -15.61
C GLU A 133 4.12 -1.62 -16.84
N GLU A 134 3.34 -1.44 -17.92
N GLU A 134 3.35 -1.44 -17.92
CA GLU A 134 3.87 -0.95 -19.19
CA GLU A 134 3.92 -0.91 -19.17
C GLU A 134 4.25 0.54 -19.19
C GLU A 134 4.30 0.56 -19.11
N GLN A 135 3.39 1.40 -18.64
CA GLN A 135 3.63 2.84 -18.64
C GLN A 135 4.31 3.37 -17.37
N GLY A 136 4.16 2.68 -16.25
CA GLY A 136 4.76 3.11 -15.00
C GLY A 136 6.09 2.46 -14.69
N LEU A 137 6.12 1.13 -14.55
CA LEU A 137 7.35 0.41 -14.24
C LEU A 137 8.30 0.32 -15.44
N GLY A 138 7.82 -0.15 -16.58
CA GLY A 138 8.72 -0.34 -17.73
C GLY A 138 9.77 -1.39 -17.42
N ASP A 139 11.02 -1.15 -17.80
CA ASP A 139 12.11 -2.09 -17.57
C ASP A 139 12.93 -1.83 -16.32
N LYS A 140 12.48 -0.92 -15.44
CA LYS A 140 13.22 -0.65 -14.21
C LYS A 140 13.04 -1.77 -13.21
N LYS A 141 13.99 -1.96 -12.30
CA LYS A 141 13.83 -2.97 -11.25
C LYS A 141 12.68 -2.53 -10.31
N PHE A 142 12.66 -1.24 -9.95
CA PHE A 142 11.62 -0.70 -9.06
C PHE A 142 11.03 0.52 -9.68
N PHE A 143 9.84 0.95 -9.25
CA PHE A 143 9.26 2.20 -9.74
C PHE A 143 10.22 3.39 -9.42
N GLY A 144 11.02 3.28 -8.34
CA GLY A 144 12.03 4.29 -8.02
C GLY A 144 13.37 4.07 -8.72
N GLY A 145 13.42 3.17 -9.68
CA GLY A 145 14.65 2.87 -10.41
C GLY A 145 15.42 1.73 -9.79
N ASP A 146 16.62 2.01 -9.25
CA ASP A 146 17.43 0.95 -8.65
C ASP A 146 17.18 0.72 -7.16
N SER A 147 16.28 1.50 -6.54
CA SER A 147 15.87 1.29 -5.16
C SER A 147 14.43 1.81 -4.98
N ILE A 148 13.74 1.35 -3.93
CA ILE A 148 12.34 1.69 -3.76
C ILE A 148 12.13 3.19 -3.45
N ASN A 149 11.04 3.73 -3.95
CA ASN A 149 10.67 5.12 -3.65
C ASN A 149 9.22 5.16 -3.13
N LEU A 150 8.56 6.34 -3.09
CA LEU A 150 7.18 6.40 -2.59
C LEU A 150 6.21 5.69 -3.52
N VAL A 151 6.52 5.57 -4.82
CA VAL A 151 5.64 4.86 -5.77
C VAL A 151 5.65 3.37 -5.42
N ASP A 152 6.84 2.76 -5.19
CA ASP A 152 6.93 1.35 -4.78
C ASP A 152 6.19 1.13 -3.48
N ILE A 153 6.39 2.02 -2.52
CA ILE A 153 5.68 1.94 -1.22
C ILE A 153 4.17 1.98 -1.40
N SER A 154 3.68 2.91 -2.24
CA SER A 154 2.25 3.05 -2.51
C SER A 154 1.67 1.81 -3.19
N PHE A 155 2.49 1.09 -3.98
CA PHE A 155 2.03 -0.12 -4.65
C PHE A 155 2.31 -1.43 -3.90
N GLY A 156 2.91 -1.34 -2.71
CA GLY A 156 3.25 -2.50 -1.89
C GLY A 156 2.06 -3.35 -1.52
N LEU A 157 0.86 -2.76 -1.50
CA LEU A 157 -0.36 -3.53 -1.23
C LEU A 157 -0.66 -4.59 -2.36
N PHE A 158 -0.09 -4.38 -3.56
CA PHE A 158 -0.24 -5.33 -4.64
C PHE A 158 0.68 -6.54 -4.49
N THR A 159 1.40 -6.67 -3.36
CA THR A 159 2.27 -7.81 -3.13
C THR A 159 1.48 -8.80 -2.23
N CYS A 160 1.79 -8.95 -0.93
CA CYS A 160 1.17 -9.98 -0.12
C CYS A 160 -0.29 -9.73 0.25
N TRP A 161 -0.76 -8.47 0.28
CA TRP A 161 -2.17 -8.21 0.53
C TRP A 161 -2.97 -8.70 -0.68
N LEU A 162 -2.52 -8.41 -1.90
CA LEU A 162 -3.20 -8.86 -3.10
C LEU A 162 -3.14 -10.37 -3.22
N GLU A 163 -2.00 -10.98 -2.89
CA GLU A 163 -1.85 -12.44 -2.91
C GLU A 163 -2.89 -13.09 -1.96
N ALA A 164 -3.12 -12.47 -0.79
CA ALA A 164 -4.10 -12.95 0.18
C ALA A 164 -5.53 -12.80 -0.35
N ILE A 165 -5.82 -11.71 -1.05
CA ILE A 165 -7.14 -11.50 -1.65
C ILE A 165 -7.39 -12.54 -2.74
N GLU A 166 -6.36 -12.87 -3.53
CA GLU A 166 -6.49 -13.85 -4.60
C GLU A 166 -6.84 -15.23 -4.02
N GLU A 167 -6.15 -15.65 -2.95
CA GLU A 167 -6.40 -16.95 -2.35
C GLU A 167 -7.78 -16.99 -1.68
N ALA A 168 -8.19 -15.90 -1.03
CA ALA A 168 -9.49 -15.81 -0.38
C ALA A 168 -10.63 -15.80 -1.41
N ALA A 169 -10.42 -15.16 -2.56
CA ALA A 169 -11.46 -15.07 -3.59
C ALA A 169 -11.47 -16.19 -4.62
N GLY A 170 -10.39 -16.95 -4.69
CA GLY A 170 -10.29 -18.02 -5.67
C GLY A 170 -10.07 -17.51 -7.07
N VAL A 171 -9.33 -16.41 -7.22
CA VAL A 171 -9.02 -15.86 -8.55
C VAL A 171 -7.53 -15.55 -8.63
N LYS A 172 -6.99 -15.51 -9.85
CA LYS A 172 -5.59 -15.13 -10.06
C LYS A 172 -5.59 -13.76 -10.77
N VAL A 173 -4.72 -12.86 -10.33
CA VAL A 173 -4.63 -11.54 -10.90
C VAL A 173 -3.18 -11.24 -11.33
N LEU A 174 -2.23 -11.23 -10.39
CA LEU A 174 -0.85 -10.90 -10.71
C LEU A 174 -0.06 -12.21 -10.89
N GLU A 175 0.12 -12.65 -12.15
CA GLU A 175 0.80 -13.90 -12.49
C GLU A 175 1.98 -13.59 -13.39
N PRO A 176 3.02 -14.41 -13.38
CA PRO A 176 4.19 -14.13 -14.24
C PRO A 176 3.92 -14.22 -15.73
N SER A 177 3.03 -15.11 -16.17
CA SER A 177 2.72 -15.25 -17.59
C SER A 177 2.08 -14.01 -18.15
N THR A 178 1.16 -13.40 -17.39
CA THR A 178 0.37 -12.29 -17.90
C THR A 178 0.98 -10.93 -17.56
N LEU A 179 1.66 -10.82 -16.42
CA LEU A 179 2.32 -9.56 -16.05
C LEU A 179 3.78 -9.89 -15.66
N PRO A 180 4.64 -10.25 -16.61
CA PRO A 180 5.99 -10.71 -16.25
C PRO A 180 6.84 -9.70 -15.46
N ARG A 181 6.86 -8.45 -15.89
CA ARG A 181 7.66 -7.42 -15.22
C ARG A 181 7.06 -7.01 -13.88
N LEU A 182 5.73 -6.88 -13.77
CA LEU A 182 5.12 -6.52 -12.48
C LEU A 182 5.23 -7.67 -11.47
N HIS A 183 5.13 -8.93 -11.95
CA HIS A 183 5.29 -10.07 -11.06
C HIS A 183 6.74 -10.13 -10.52
N ALA A 184 7.75 -9.92 -11.37
CA ALA A 184 9.14 -9.89 -10.95
C ALA A 184 9.37 -8.72 -9.95
N TRP A 185 8.73 -7.55 -10.20
CA TRP A 185 8.80 -6.39 -9.29
C TRP A 185 8.25 -6.79 -7.93
N ALA A 186 7.07 -7.43 -7.88
CA ALA A 186 6.44 -7.78 -6.61
C ALA A 186 7.32 -8.73 -5.79
N GLN A 187 7.99 -9.66 -6.47
CA GLN A 187 8.91 -10.60 -5.81
C GLN A 187 10.13 -9.81 -5.31
N ASN A 188 10.70 -8.92 -6.14
CA ASN A 188 11.85 -8.12 -5.76
C ASN A 188 11.53 -7.18 -4.56
N PHE A 189 10.35 -6.58 -4.57
CA PHE A 189 9.91 -5.66 -3.51
C PHE A 189 9.85 -6.38 -2.16
N ILE A 190 9.20 -7.53 -2.14
CA ILE A 190 9.01 -8.35 -0.96
C ILE A 190 10.34 -8.96 -0.43
N GLU A 191 11.36 -9.07 -1.28
CA GLU A 191 12.68 -9.55 -0.87
C GLU A 191 13.58 -8.42 -0.34
N VAL A 192 13.21 -7.13 -0.53
CA VAL A 192 13.98 -5.98 0.00
C VAL A 192 13.96 -6.14 1.53
N PRO A 193 15.14 -6.28 2.17
CA PRO A 193 15.15 -6.55 3.62
C PRO A 193 14.25 -5.65 4.46
N LEU A 194 14.20 -4.34 4.14
CA LEU A 194 13.30 -3.44 4.85
C LEU A 194 11.83 -3.90 4.78
N ILE A 195 11.38 -4.37 3.59
CA ILE A 195 10.00 -4.83 3.42
C ILE A 195 9.86 -6.20 4.04
N LYS A 196 10.78 -7.12 3.74
CA LYS A 196 10.77 -8.50 4.26
C LYS A 196 10.63 -8.55 5.80
N GLU A 197 11.33 -7.66 6.53
CA GLU A 197 11.24 -7.63 8.00
C GLU A 197 10.05 -6.82 8.52
N ASN A 198 9.24 -6.20 7.62
CA ASN A 198 8.12 -5.36 8.02
C ASN A 198 6.87 -5.60 7.15
N ILE A 199 6.34 -6.82 7.20
CA ILE A 199 5.11 -7.20 6.50
C ILE A 199 4.31 -8.11 7.43
N PRO A 200 2.98 -8.06 7.38
CA PRO A 200 2.19 -8.97 8.24
C PRO A 200 2.43 -10.43 7.85
N ASP A 201 2.22 -11.34 8.80
CA ASP A 201 2.36 -12.78 8.55
C ASP A 201 1.28 -13.17 7.53
N TYR A 202 1.65 -13.90 6.47
CA TYR A 202 0.69 -14.27 5.43
C TYR A 202 -0.56 -14.97 5.95
N ASP A 203 -0.42 -15.94 6.86
CA ASP A 203 -1.56 -16.64 7.42
C ASP A 203 -2.53 -15.73 8.16
N LYS A 204 -2.02 -14.70 8.86
CA LYS A 204 -2.89 -13.75 9.52
C LYS A 204 -3.57 -12.82 8.52
N LEU A 205 -2.86 -12.44 7.46
CA LEU A 205 -3.36 -11.57 6.39
C LEU A 205 -4.46 -12.31 5.60
N LEU A 206 -4.24 -13.60 5.31
CA LEU A 206 -5.21 -14.44 4.59
C LEU A 206 -6.49 -14.57 5.42
N LEU A 207 -6.35 -14.78 6.73
CA LEU A 207 -7.47 -14.88 7.67
C LEU A 207 -8.27 -13.59 7.63
N HIS A 208 -7.59 -12.44 7.61
CA HIS A 208 -8.24 -11.15 7.52
C HIS A 208 -9.03 -11.01 6.21
N MET A 209 -8.43 -11.33 5.05
CA MET A 209 -9.12 -11.23 3.76
C MET A 209 -10.32 -12.17 3.68
N LYS A 210 -10.19 -13.40 4.21
CA LYS A 210 -11.29 -14.37 4.24
C LYS A 210 -12.48 -13.79 5.01
N GLY A 211 -12.20 -13.15 6.14
CA GLY A 211 -13.22 -12.51 6.95
C GLY A 211 -13.90 -11.35 6.25
N VAL A 212 -13.10 -10.53 5.53
CA VAL A 212 -13.60 -9.37 4.79
C VAL A 212 -14.47 -9.82 3.62
N ARG A 213 -14.10 -10.93 2.95
CA ARG A 213 -14.89 -11.47 1.84
C ARG A 213 -16.19 -12.10 2.36
N GLU A 214 -16.14 -12.73 3.53
CA GLU A 214 -17.31 -13.35 4.16
C GLU A 214 -18.37 -12.29 4.47
N LYS A 215 -17.98 -11.16 5.12
CA LYS A 215 -18.95 -10.12 5.45
C LYS A 215 -19.44 -9.35 4.22
N MET A 216 -18.59 -9.16 3.20
CA MET A 216 -19.02 -8.49 1.97
C MET A 216 -19.65 -9.44 0.94
N MET A 217 -19.83 -10.74 1.31
CA MET A 217 -20.41 -11.81 0.50
C MET A 217 -19.67 -12.05 -0.82
#